data_1K9J
#
_entry.id   1K9J
#
_cell.length_a   50.226
_cell.length_b   57.039
_cell.length_c   89.263
_cell.angle_alpha   90.00
_cell.angle_beta   90.00
_cell.angle_gamma   90.00
#
_symmetry.space_group_name_H-M   'P 21 21 21'
#
loop_
_entity.id
_entity.type
_entity.pdbx_description
1 polymer 'mDC-SIGN2 TYPE I ISOFORM'
2 branched 2-acetamido-2-deoxy-beta-D-glucopyranose-(1-2)-alpha-D-mannopyranose-(1-3)-[2-acetamido-2-deoxy-beta-D-glucopyranose-(1-2)-alpha-D-mannopyranose-(1-6)]alpha-D-mannopyranose
3 non-polymer 'CALCIUM ION'
4 water water
#
_entity_poly.entity_id   1
_entity_poly.type   'polypeptide(L)'
_entity_poly.pdbx_seq_one_letter_code
;AERLCRHCPKDWTFFQGNCYFMSNSQRNWHDSVTACQEVRAQLVVIKTAEEQNFLQLQTSRSNRFSWMGLSDLNQEGTWQ
WVDGSPLSPSFQRYWNSGEPNNSGNEDCAEFSGSGWNDNRCDVDNYWICKKPAACFRDE
;
_entity_poly.pdbx_strand_id   A,B
#
# COMPACT_ATOMS: atom_id res chain seq x y z
N CYS A 5 7.17 24.87 5.36
CA CYS A 5 7.54 23.59 4.70
C CYS A 5 6.63 23.31 3.50
N ARG A 6 6.81 24.06 2.42
CA ARG A 6 5.98 23.86 1.24
C ARG A 6 6.79 23.39 0.03
N HIS A 7 7.78 22.54 0.29
CA HIS A 7 8.63 22.03 -0.77
C HIS A 7 8.14 20.68 -1.31
N CYS A 8 8.01 20.61 -2.63
CA CYS A 8 7.57 19.40 -3.31
C CYS A 8 8.55 19.06 -4.42
N PRO A 9 8.60 17.78 -4.83
CA PRO A 9 9.50 17.36 -5.91
C PRO A 9 9.09 18.04 -7.20
N LYS A 10 9.98 18.08 -8.19
CA LYS A 10 9.65 18.71 -9.45
C LYS A 10 8.46 18.00 -10.07
N ASP A 11 7.52 18.78 -10.60
CA ASP A 11 6.30 18.27 -11.23
C ASP A 11 5.16 17.94 -10.25
N TRP A 12 5.42 18.06 -8.94
CA TRP A 12 4.36 17.80 -7.96
C TRP A 12 3.79 19.15 -7.51
N THR A 13 2.49 19.19 -7.22
CA THR A 13 1.86 20.43 -6.81
C THR A 13 1.56 20.46 -5.31
N PHE A 14 1.73 21.63 -4.72
CA PHE A 14 1.51 21.81 -3.28
C PHE A 14 0.14 22.37 -2.91
N PHE A 15 -0.43 21.85 -1.83
CA PHE A 15 -1.71 22.31 -1.30
C PHE A 15 -1.85 21.84 0.13
N GLN A 16 -2.05 22.80 1.04
CA GLN A 16 -2.22 22.54 2.46
C GLN A 16 -1.31 21.48 3.07
N GLY A 17 0.00 21.65 2.88
CA GLY A 17 0.98 20.73 3.45
C GLY A 17 1.22 19.39 2.80
N ASN A 18 0.66 19.18 1.60
CA ASN A 18 0.84 17.92 0.89
C ASN A 18 1.23 18.17 -0.57
N CYS A 19 1.89 17.19 -1.17
CA CYS A 19 2.33 17.27 -2.56
C CYS A 19 1.54 16.30 -3.41
N TYR A 20 1.12 16.75 -4.59
CA TYR A 20 0.33 15.93 -5.50
C TYR A 20 1.01 15.72 -6.83
N PHE A 21 0.92 14.49 -7.33
CA PHE A 21 1.50 14.12 -8.60
C PHE A 21 0.44 13.59 -9.55
N MET A 22 0.34 14.22 -10.71
N MET A 22 0.33 14.22 -10.71
CA MET A 22 -0.61 13.81 -11.73
CA MET A 22 -0.63 13.78 -11.72
C MET A 22 0.20 13.08 -12.81
C MET A 22 0.18 13.07 -12.80
N SER A 23 -0.09 11.79 -12.98
CA SER A 23 0.64 10.98 -13.96
C SER A 23 0.43 11.39 -15.41
N ASN A 24 1.38 10.99 -16.26
CA ASN A 24 1.31 11.27 -17.68
C ASN A 24 1.08 9.97 -18.44
N SER A 25 1.13 8.87 -17.72
CA SER A 25 0.89 7.55 -18.29
C SER A 25 -0.40 7.01 -17.65
N GLN A 26 -0.95 5.92 -18.19
CA GLN A 26 -2.18 5.34 -17.65
C GLN A 26 -1.95 3.90 -17.20
N ARG A 27 -2.62 3.52 -16.12
CA ARG A 27 -2.52 2.17 -15.56
C ARG A 27 -3.86 1.80 -14.96
N ASN A 28 -4.07 0.51 -14.66
CA ASN A 28 -5.33 0.13 -14.05
C ASN A 28 -5.26 0.57 -12.59
N TRP A 29 -6.39 0.52 -11.89
CA TRP A 29 -6.43 0.97 -10.51
C TRP A 29 -5.42 0.27 -9.61
N HIS A 30 -5.35 -1.05 -9.69
CA HIS A 30 -4.42 -1.82 -8.87
C HIS A 30 -2.97 -1.40 -9.09
N ASP A 31 -2.59 -1.25 -10.34
CA ASP A 31 -1.22 -0.85 -10.65
C ASP A 31 -0.96 0.61 -10.27
N SER A 32 -2.03 1.41 -10.19
CA SER A 32 -1.88 2.82 -9.81
C SER A 32 -1.57 2.87 -8.32
N VAL A 33 -2.23 2.01 -7.55
CA VAL A 33 -1.99 1.96 -6.11
C VAL A 33 -0.51 1.66 -5.89
N THR A 34 0.01 0.64 -6.56
CA THR A 34 1.41 0.29 -6.39
C THR A 34 2.36 1.32 -7.00
N ALA A 35 1.92 2.01 -8.06
CA ALA A 35 2.77 3.03 -8.67
C ALA A 35 3.05 4.15 -7.67
N CYS A 36 2.02 4.54 -6.91
CA CYS A 36 2.20 5.61 -5.94
C CYS A 36 3.12 5.16 -4.81
N GLN A 37 3.02 3.89 -4.42
CA GLN A 37 3.86 3.36 -3.36
C GLN A 37 5.35 3.45 -3.74
N GLU A 38 5.64 3.27 -5.03
CA GLU A 38 7.01 3.32 -5.51
C GLU A 38 7.65 4.70 -5.39
N VAL A 39 6.83 5.73 -5.27
CA VAL A 39 7.36 7.08 -5.13
C VAL A 39 7.07 7.63 -3.73
N ARG A 40 7.11 6.74 -2.74
CA ARG A 40 6.88 7.08 -1.34
C ARG A 40 5.59 7.86 -1.18
N ALA A 41 4.55 7.45 -1.90
CA ALA A 41 3.28 8.14 -1.82
C ALA A 41 2.11 7.18 -1.72
N GLN A 42 0.90 7.72 -1.86
CA GLN A 42 -0.32 6.94 -1.77
C GLN A 42 -1.32 7.45 -2.79
N LEU A 43 -2.03 6.53 -3.45
CA LEU A 43 -3.05 6.92 -4.42
C LEU A 43 -3.97 7.82 -3.60
N VAL A 44 -4.11 9.06 -4.03
CA VAL A 44 -4.86 10.06 -3.27
C VAL A 44 -6.11 9.68 -2.49
N VAL A 45 -6.02 9.87 -1.17
CA VAL A 45 -7.12 9.64 -0.25
C VAL A 45 -7.56 11.04 0.15
N ILE A 46 -8.76 11.43 -0.27
CA ILE A 46 -9.29 12.76 0.01
C ILE A 46 -9.87 12.84 1.43
N LYS A 47 -9.33 13.76 2.23
CA LYS A 47 -9.78 13.90 3.61
C LYS A 47 -10.62 15.12 3.94
N THR A 48 -10.62 16.12 3.05
CA THR A 48 -11.40 17.33 3.28
C THR A 48 -12.07 17.82 2.01
N ALA A 49 -13.17 18.55 2.17
CA ALA A 49 -13.87 19.11 1.02
C ALA A 49 -12.96 20.08 0.28
N GLU A 50 -12.14 20.81 1.04
CA GLU A 50 -11.24 21.79 0.47
C GLU A 50 -10.22 21.14 -0.46
N GLU A 51 -9.79 19.95 -0.08
CA GLU A 51 -8.83 19.18 -0.87
C GLU A 51 -9.52 18.71 -2.14
N GLN A 52 -10.76 18.28 -2.00
CA GLN A 52 -11.54 17.82 -3.13
C GLN A 52 -11.67 18.96 -4.14
N ASN A 53 -11.94 20.16 -3.66
CA ASN A 53 -12.06 21.31 -4.56
C ASN A 53 -10.76 21.53 -5.31
N PHE A 54 -9.65 21.51 -4.57
CA PHE A 54 -8.34 21.70 -5.18
C PHE A 54 -8.09 20.68 -6.29
N LEU A 55 -8.39 19.41 -6.01
CA LEU A 55 -8.19 18.33 -6.97
C LEU A 55 -9.15 18.35 -8.15
N GLN A 56 -10.42 18.65 -7.90
CA GLN A 56 -11.40 18.66 -8.98
C GLN A 56 -11.04 19.74 -10.00
N LEU A 57 -10.43 20.82 -9.54
CA LEU A 57 -10.03 21.89 -10.45
C LEU A 57 -8.86 21.42 -11.30
N GLN A 58 -7.90 20.74 -10.67
CA GLN A 58 -6.73 20.23 -11.38
C GLN A 58 -7.14 19.21 -12.45
N THR A 59 -8.02 18.28 -12.07
CA THR A 59 -8.46 17.24 -12.99
C THR A 59 -9.35 17.70 -14.14
N SER A 60 -10.28 18.60 -13.87
CA SER A 60 -11.17 19.08 -14.92
C SER A 60 -10.41 19.89 -15.97
N ARG A 61 -9.39 20.62 -15.54
CA ARG A 61 -8.60 21.43 -16.47
C ARG A 61 -7.62 20.60 -17.29
N SER A 62 -7.35 19.38 -16.83
CA SER A 62 -6.43 18.50 -17.56
C SER A 62 -7.22 17.69 -18.58
N ASN A 63 -8.54 17.67 -18.42
CA ASN A 63 -9.42 16.95 -19.31
C ASN A 63 -9.08 15.46 -19.36
N ARG A 64 -8.74 14.90 -18.19
CA ARG A 64 -8.37 13.50 -18.09
C ARG A 64 -9.14 12.78 -16.98
N PHE A 65 -9.34 11.48 -17.16
CA PHE A 65 -10.01 10.68 -16.14
C PHE A 65 -8.88 10.14 -15.28
N SER A 66 -8.93 10.39 -13.97
CA SER A 66 -7.86 9.95 -13.07
C SER A 66 -8.34 9.17 -11.85
N TRP A 67 -7.61 8.12 -11.51
CA TRP A 67 -7.91 7.28 -10.35
C TRP A 67 -7.61 7.99 -9.03
N MET A 68 -8.41 7.66 -8.01
CA MET A 68 -8.20 8.16 -6.65
C MET A 68 -8.18 6.87 -5.82
N GLY A 69 -7.69 6.95 -4.57
CA GLY A 69 -7.61 5.75 -3.75
C GLY A 69 -8.90 5.34 -3.06
N LEU A 70 -9.94 5.08 -3.85
CA LEU A 70 -11.25 4.72 -3.32
C LEU A 70 -11.84 3.56 -4.10
N SER A 71 -12.44 2.60 -3.39
CA SER A 71 -13.03 1.44 -4.05
C SER A 71 -14.09 0.76 -3.22
N ASP A 72 -14.97 0.00 -3.87
CA ASP A 72 -15.99 -0.75 -3.15
C ASP A 72 -15.80 -2.23 -3.50
N LEU A 73 -14.53 -2.59 -3.69
CA LEU A 73 -14.12 -3.95 -4.02
C LEU A 73 -14.49 -4.99 -2.95
N ASN A 74 -14.37 -4.61 -1.69
CA ASN A 74 -14.65 -5.52 -0.60
C ASN A 74 -16.15 -5.77 -0.41
N GLN A 75 -16.93 -4.70 -0.46
CA GLN A 75 -18.36 -4.80 -0.27
C GLN A 75 -19.05 -3.84 -1.22
N GLU A 76 -19.68 -4.37 -2.26
CA GLU A 76 -20.38 -3.58 -3.25
C GLU A 76 -21.32 -2.57 -2.61
N GLY A 77 -21.10 -1.29 -2.90
CA GLY A 77 -21.94 -0.25 -2.34
C GLY A 77 -21.33 0.48 -1.16
N THR A 78 -20.34 -0.13 -0.53
CA THR A 78 -19.67 0.50 0.61
C THR A 78 -18.26 0.90 0.17
N TRP A 79 -18.06 2.20 -0.07
CA TRP A 79 -16.78 2.72 -0.52
C TRP A 79 -15.76 2.94 0.57
N GLN A 80 -14.52 2.54 0.31
CA GLN A 80 -13.42 2.63 1.25
C GLN A 80 -12.16 3.27 0.66
N TRP A 81 -11.51 4.12 1.45
CA TRP A 81 -10.26 4.75 1.00
C TRP A 81 -9.15 3.75 1.28
N VAL A 82 -8.08 3.80 0.51
CA VAL A 82 -6.98 2.86 0.71
C VAL A 82 -6.26 3.03 2.04
N ASP A 83 -6.51 4.13 2.74
CA ASP A 83 -5.87 4.37 4.04
C ASP A 83 -6.69 3.73 5.16
N GLY A 84 -7.75 3.01 4.78
CA GLY A 84 -8.57 2.35 5.78
C GLY A 84 -9.80 3.10 6.26
N SER A 85 -9.99 4.35 5.85
CA SER A 85 -11.17 5.10 6.27
C SER A 85 -12.31 4.91 5.28
N PRO A 86 -13.56 4.91 5.77
CA PRO A 86 -14.69 4.73 4.86
C PRO A 86 -15.05 6.05 4.19
N LEU A 87 -15.77 5.99 3.08
CA LEU A 87 -16.21 7.21 2.41
C LEU A 87 -17.30 7.77 3.31
N SER A 88 -17.15 9.01 3.75
CA SER A 88 -18.14 9.61 4.64
C SER A 88 -19.44 9.96 3.92
N PRO A 89 -20.56 9.98 4.66
CA PRO A 89 -21.85 10.30 4.05
C PRO A 89 -21.82 11.67 3.39
N SER A 90 -21.08 12.60 3.99
CA SER A 90 -20.95 13.95 3.46
C SER A 90 -20.24 14.00 2.11
N PHE A 91 -19.31 13.08 1.88
CA PHE A 91 -18.59 13.05 0.61
C PHE A 91 -19.38 12.39 -0.52
N GLN A 92 -20.48 11.71 -0.20
CA GLN A 92 -21.28 11.06 -1.23
C GLN A 92 -21.79 12.06 -2.27
N ARG A 93 -21.88 13.32 -1.89
CA ARG A 93 -22.36 14.36 -2.80
C ARG A 93 -21.46 14.55 -4.02
N TYR A 94 -20.23 14.06 -3.94
CA TYR A 94 -19.30 14.23 -5.04
C TYR A 94 -19.53 13.34 -6.26
N TRP A 95 -20.28 12.25 -6.08
CA TRP A 95 -20.55 11.37 -7.22
C TRP A 95 -21.35 12.17 -8.25
N ASN A 96 -21.08 11.96 -9.53
CA ASN A 96 -21.84 12.66 -10.57
C ASN A 96 -23.25 12.10 -10.52
N SER A 97 -24.21 12.84 -11.09
N SER A 97 -24.20 12.84 -11.08
CA SER A 97 -25.59 12.41 -11.13
CA SER A 97 -25.59 12.40 -11.09
C SER A 97 -25.67 11.02 -11.77
C SER A 97 -25.67 11.02 -11.75
N GLY A 98 -26.46 10.13 -11.16
CA GLY A 98 -26.61 8.79 -11.70
C GLY A 98 -25.48 7.83 -11.32
N GLU A 99 -24.51 8.31 -10.54
CA GLU A 99 -23.39 7.48 -10.12
C GLU A 99 -23.43 7.32 -8.60
N PRO A 100 -22.85 6.23 -8.06
CA PRO A 100 -22.16 5.16 -8.80
C PRO A 100 -23.21 4.19 -9.35
N ASN A 101 -23.02 3.75 -10.59
CA ASN A 101 -23.98 2.84 -11.22
C ASN A 101 -23.50 1.41 -11.39
N ASN A 102 -22.28 1.13 -10.91
CA ASN A 102 -21.69 -0.21 -11.00
C ASN A 102 -21.92 -0.86 -12.37
N SER A 103 -21.77 -0.06 -13.43
CA SER A 103 -21.98 -0.54 -14.80
C SER A 103 -20.99 -1.63 -15.20
N GLY A 104 -21.46 -2.87 -15.26
CA GLY A 104 -20.59 -3.98 -15.62
C GLY A 104 -19.59 -4.28 -14.51
N ASN A 105 -19.95 -3.88 -13.30
CA ASN A 105 -19.14 -4.05 -12.10
C ASN A 105 -17.96 -3.09 -12.05
N GLU A 106 -18.23 -1.90 -11.53
CA GLU A 106 -17.21 -0.85 -11.42
C GLU A 106 -16.96 -0.66 -9.93
N ASP A 107 -15.76 -1.01 -9.47
CA ASP A 107 -15.43 -0.90 -8.05
C ASP A 107 -14.31 0.06 -7.69
N CYS A 108 -13.91 0.90 -8.63
CA CYS A 108 -12.85 1.85 -8.39
C CYS A 108 -13.32 3.25 -8.80
N ALA A 109 -12.95 4.27 -8.02
CA ALA A 109 -13.38 5.64 -8.30
C ALA A 109 -12.40 6.49 -9.11
N GLU A 110 -12.95 7.26 -10.05
CA GLU A 110 -12.16 8.15 -10.89
C GLU A 110 -12.74 9.56 -10.86
N PHE A 111 -11.88 10.55 -11.10
CA PHE A 111 -12.36 11.93 -11.16
C PHE A 111 -12.89 11.99 -12.60
N SER A 112 -14.10 12.52 -12.75
CA SER A 112 -14.71 12.62 -14.06
C SER A 112 -15.53 13.88 -14.20
N GLY A 113 -15.08 14.79 -15.06
CA GLY A 113 -15.80 16.03 -15.26
C GLY A 113 -15.86 16.86 -13.99
N SER A 114 -17.07 17.20 -13.54
CA SER A 114 -17.22 18.00 -12.34
C SER A 114 -17.31 17.21 -11.05
N GLY A 115 -17.27 15.88 -11.14
CA GLY A 115 -17.36 15.08 -9.93
C GLY A 115 -16.66 13.75 -10.03
N TRP A 116 -17.22 12.72 -9.40
CA TRP A 116 -16.63 11.38 -9.43
C TRP A 116 -17.49 10.35 -10.15
N ASN A 117 -16.82 9.33 -10.67
CA ASN A 117 -17.49 8.24 -11.35
C ASN A 117 -16.82 6.93 -10.99
N ASP A 118 -17.61 5.86 -10.88
CA ASP A 118 -17.05 4.55 -10.59
C ASP A 118 -16.81 3.91 -11.96
N ASN A 119 -15.64 3.33 -12.14
CA ASN A 119 -15.29 2.69 -13.42
C ASN A 119 -14.70 1.31 -13.11
N ARG A 120 -14.53 0.49 -14.15
CA ARG A 120 -13.96 -0.84 -13.94
C ARG A 120 -12.49 -0.70 -13.54
N CYS A 121 -12.10 -1.43 -12.50
CA CYS A 121 -10.73 -1.34 -11.99
C CYS A 121 -9.64 -1.75 -12.97
N ASP A 122 -9.99 -2.57 -13.98
CA ASP A 122 -8.99 -3.00 -14.94
C ASP A 122 -8.81 -2.03 -16.10
N VAL A 123 -9.49 -0.89 -16.03
CA VAL A 123 -9.39 0.13 -17.07
C VAL A 123 -8.14 1.00 -16.83
N ASP A 124 -7.47 1.40 -17.91
CA ASP A 124 -6.29 2.25 -17.79
C ASP A 124 -6.70 3.72 -17.66
N ASN A 125 -6.28 4.35 -16.57
CA ASN A 125 -6.58 5.75 -16.31
C ASN A 125 -5.32 6.43 -15.82
N TYR A 126 -5.33 7.76 -15.80
CA TYR A 126 -4.19 8.49 -15.26
C TYR A 126 -4.41 8.34 -13.76
N TRP A 127 -3.42 8.71 -12.96
CA TRP A 127 -3.57 8.60 -11.52
C TRP A 127 -2.94 9.77 -10.79
N ILE A 128 -3.33 9.92 -9.52
CA ILE A 128 -2.82 11.00 -8.69
C ILE A 128 -2.28 10.49 -7.36
N CYS A 129 -1.03 10.80 -7.07
CA CYS A 129 -0.42 10.39 -5.83
C CYS A 129 -0.35 11.57 -4.88
N LYS A 130 -0.28 11.29 -3.59
CA LYS A 130 -0.20 12.32 -2.57
C LYS A 130 0.76 11.91 -1.48
N LYS A 131 1.58 12.84 -1.03
CA LYS A 131 2.50 12.58 0.06
C LYS A 131 2.79 13.90 0.76
N PRO A 132 3.21 13.84 2.03
CA PRO A 132 3.51 15.03 2.82
C PRO A 132 4.58 15.91 2.20
N ALA A 133 4.44 17.22 2.34
CA ALA A 133 5.43 18.14 1.82
C ALA A 133 6.62 18.09 2.77
N ALA A 134 7.82 18.32 2.26
CA ALA A 134 9.01 18.30 3.09
C ALA A 134 9.78 19.59 2.93
N HIS B 7 -5.21 -18.77 -7.90
CA HIS B 7 -5.18 -17.58 -8.81
C HIS B 7 -4.78 -16.31 -8.08
N CYS B 8 -3.81 -15.60 -8.64
CA CYS B 8 -3.32 -14.35 -8.04
C CYS B 8 -3.32 -13.21 -9.05
N PRO B 9 -3.41 -11.96 -8.58
CA PRO B 9 -3.41 -10.81 -9.49
C PRO B 9 -2.09 -10.76 -10.24
N LYS B 10 -2.03 -10.01 -11.33
CA LYS B 10 -0.79 -9.89 -12.07
C LYS B 10 0.25 -9.28 -11.14
N ASP B 11 1.47 -9.77 -11.24
CA ASP B 11 2.58 -9.28 -10.41
C ASP B 11 2.62 -9.85 -8.99
N TRP B 12 1.67 -10.74 -8.68
CA TRP B 12 1.64 -11.39 -7.38
C TRP B 12 2.05 -12.85 -7.58
N THR B 13 2.69 -13.42 -6.59
CA THR B 13 3.16 -14.80 -6.67
C THR B 13 2.30 -15.78 -5.89
N PHE B 14 1.97 -16.90 -6.52
CA PHE B 14 1.16 -17.92 -5.87
C PHE B 14 2.05 -18.95 -5.19
N PHE B 15 1.73 -19.27 -3.95
CA PHE B 15 2.47 -20.27 -3.19
C PHE B 15 1.61 -20.87 -2.08
N GLN B 16 1.35 -22.18 -2.19
CA GLN B 16 0.57 -22.91 -1.22
C GLN B 16 -0.73 -22.22 -0.78
N GLY B 17 -1.56 -21.86 -1.76
CA GLY B 17 -2.84 -21.24 -1.46
C GLY B 17 -2.86 -19.75 -1.18
N ASN B 18 -1.69 -19.10 -1.18
CA ASN B 18 -1.64 -17.66 -0.90
C ASN B 18 -0.95 -16.86 -2.01
N CYS B 19 -1.18 -15.56 -2.02
CA CYS B 19 -0.57 -14.68 -3.01
C CYS B 19 0.40 -13.75 -2.30
N TYR B 20 1.58 -13.59 -2.88
CA TYR B 20 2.60 -12.73 -2.30
C TYR B 20 3.03 -11.62 -3.24
N PHE B 21 3.12 -10.42 -2.69
CA PHE B 21 3.52 -9.25 -3.45
C PHE B 21 4.92 -8.84 -3.02
N MET B 22 5.86 -8.87 -3.95
CA MET B 22 7.25 -8.48 -3.71
C MET B 22 7.38 -7.06 -4.23
N SER B 23 7.50 -6.10 -3.32
CA SER B 23 7.62 -4.69 -3.72
C SER B 23 8.87 -4.48 -4.55
N ASN B 24 8.86 -3.40 -5.32
CA ASN B 24 10.01 -3.07 -6.16
C ASN B 24 10.59 -1.74 -5.72
N SER B 25 10.26 -1.34 -4.49
CA SER B 25 10.77 -0.10 -3.92
C SER B 25 10.93 -0.32 -2.41
N GLN B 26 11.53 0.64 -1.73
CA GLN B 26 11.78 0.53 -0.29
C GLN B 26 11.11 1.60 0.58
N ARG B 27 10.65 1.19 1.76
N ARG B 27 10.68 1.20 1.77
CA ARG B 27 9.98 2.07 2.73
CA ARG B 27 10.05 2.12 2.73
C ARG B 27 10.22 1.55 4.15
C ARG B 27 10.27 1.58 4.15
N ASN B 28 9.93 2.37 5.16
CA ASN B 28 10.13 1.93 6.54
C ASN B 28 9.06 0.89 6.90
N TRP B 29 9.27 0.18 8.00
CA TRP B 29 8.34 -0.87 8.40
C TRP B 29 6.87 -0.45 8.53
N HIS B 30 6.64 0.69 9.17
CA HIS B 30 5.28 1.17 9.37
C HIS B 30 4.56 1.40 8.04
N ASP B 31 5.21 2.12 7.14
CA ASP B 31 4.64 2.41 5.84
C ASP B 31 4.45 1.14 5.02
N SER B 32 5.24 0.11 5.33
CA SER B 32 5.10 -1.16 4.61
C SER B 32 3.83 -1.86 5.09
N VAL B 33 3.57 -1.78 6.39
CA VAL B 33 2.35 -2.38 6.95
C VAL B 33 1.16 -1.69 6.27
N THR B 34 1.25 -0.37 6.14
CA THR B 34 0.20 0.43 5.50
C THR B 34 0.05 0.07 4.03
N ALA B 35 1.17 -0.03 3.33
CA ALA B 35 1.17 -0.35 1.91
C ALA B 35 0.44 -1.65 1.63
N CYS B 36 0.64 -2.66 2.47
CA CYS B 36 -0.03 -3.92 2.25
C CYS B 36 -1.54 -3.83 2.48
N GLN B 37 -1.96 -3.04 3.47
CA GLN B 37 -3.38 -2.88 3.73
C GLN B 37 -4.06 -2.16 2.58
N GLU B 38 -3.30 -1.28 1.91
CA GLU B 38 -3.84 -0.55 0.76
C GLU B 38 -4.29 -1.51 -0.32
N VAL B 39 -3.54 -2.61 -0.49
CA VAL B 39 -3.89 -3.60 -1.51
C VAL B 39 -4.64 -4.80 -0.92
N ARG B 40 -5.39 -4.55 0.14
CA ARG B 40 -6.18 -5.58 0.80
C ARG B 40 -5.39 -6.81 1.22
N ALA B 41 -4.15 -6.57 1.67
CA ALA B 41 -3.28 -7.66 2.11
C ALA B 41 -2.66 -7.34 3.48
N GLN B 42 -1.63 -8.08 3.84
CA GLN B 42 -0.98 -7.88 5.13
C GLN B 42 0.53 -8.12 5.03
N LEU B 43 1.32 -7.29 5.72
CA LEU B 43 2.77 -7.47 5.70
C LEU B 43 2.93 -8.91 6.16
N VAL B 44 3.54 -9.72 5.32
CA VAL B 44 3.66 -11.16 5.57
C VAL B 44 3.88 -11.70 6.98
N VAL B 45 2.93 -12.52 7.40
CA VAL B 45 2.97 -13.20 8.69
C VAL B 45 3.25 -14.66 8.32
N ILE B 46 4.41 -15.17 8.72
CA ILE B 46 4.79 -16.53 8.39
C ILE B 46 4.14 -17.57 9.29
N LYS B 47 3.39 -18.48 8.68
CA LYS B 47 2.69 -19.52 9.43
C LYS B 47 3.34 -20.91 9.43
N THR B 48 4.14 -21.21 8.41
CA THR B 48 4.79 -22.52 8.35
C THR B 48 6.25 -22.45 7.93
N ALA B 49 6.98 -23.52 8.24
CA ALA B 49 8.40 -23.60 7.89
C ALA B 49 8.58 -23.57 6.38
N GLU B 50 7.63 -24.16 5.65
CA GLU B 50 7.68 -24.21 4.20
C GLU B 50 7.62 -22.80 3.61
N GLU B 51 6.75 -21.98 4.19
CA GLU B 51 6.57 -20.60 3.75
C GLU B 51 7.84 -19.80 4.02
N GLN B 52 8.42 -20.01 5.20
CA GLN B 52 9.65 -19.33 5.57
C GLN B 52 10.74 -19.65 4.56
N ASN B 53 10.94 -20.94 4.30
CA ASN B 53 11.95 -21.36 3.34
C ASN B 53 11.71 -20.68 2.01
N PHE B 54 10.46 -20.62 1.60
CA PHE B 54 10.08 -20.00 0.34
C PHE B 54 10.44 -18.52 0.32
N LEU B 55 9.98 -17.78 1.33
CA LEU B 55 10.27 -16.36 1.43
C LEU B 55 11.77 -16.07 1.54
N GLN B 56 12.46 -16.81 2.40
CA GLN B 56 13.89 -16.61 2.59
C GLN B 56 14.60 -16.76 1.25
N LEU B 57 14.17 -17.76 0.47
CA LEU B 57 14.75 -18.03 -0.83
C LEU B 57 14.56 -16.88 -1.82
N GLN B 58 13.32 -16.39 -1.92
CA GLN B 58 13.01 -15.30 -2.83
C GLN B 58 13.84 -14.08 -2.47
N THR B 59 13.97 -13.84 -1.18
CA THR B 59 14.73 -12.71 -0.67
C THR B 59 16.22 -12.79 -0.99
N SER B 60 16.82 -13.95 -0.74
CA SER B 60 18.24 -14.11 -0.99
C SER B 60 18.60 -14.04 -2.48
N ARG B 61 17.77 -14.64 -3.33
CA ARG B 61 18.05 -14.62 -4.76
C ARG B 61 17.96 -13.23 -5.39
N SER B 62 17.17 -12.34 -4.79
CA SER B 62 17.05 -10.99 -5.35
C SER B 62 17.96 -9.99 -4.64
N ASN B 63 18.78 -10.50 -3.71
CA ASN B 63 19.70 -9.65 -2.96
C ASN B 63 18.99 -8.43 -2.39
N ARG B 64 17.81 -8.65 -1.82
N ARG B 64 17.81 -8.65 -1.80
CA ARG B 64 17.03 -7.57 -1.24
CA ARG B 64 17.04 -7.56 -1.24
C ARG B 64 16.59 -7.83 0.20
C ARG B 64 16.58 -7.83 0.19
N PHE B 65 16.96 -6.93 1.09
CA PHE B 65 16.59 -7.04 2.49
C PHE B 65 15.12 -6.64 2.50
N SER B 66 14.27 -7.49 3.05
CA SER B 66 12.84 -7.20 3.06
C SER B 66 12.17 -7.36 4.41
N TRP B 67 11.21 -6.48 4.69
CA TRP B 67 10.45 -6.51 5.94
C TRP B 67 9.40 -7.61 5.94
N MET B 68 9.13 -8.15 7.13
CA MET B 68 8.09 -9.14 7.32
C MET B 68 7.25 -8.51 8.42
N GLY B 69 6.02 -9.00 8.61
CA GLY B 69 5.13 -8.43 9.62
C GLY B 69 5.39 -8.88 11.04
N LEU B 70 6.63 -8.71 11.49
CA LEU B 70 7.04 -9.10 12.84
C LEU B 70 7.78 -7.95 13.49
N SER B 71 7.47 -7.66 14.76
CA SER B 71 8.14 -6.55 15.43
C SER B 71 8.11 -6.58 16.96
N ASP B 72 8.95 -5.73 17.54
CA ASP B 72 9.06 -5.53 18.99
C ASP B 72 9.20 -4.02 19.13
N LEU B 73 8.12 -3.31 18.85
CA LEU B 73 8.10 -1.85 18.90
C LEU B 73 8.39 -1.22 20.26
N ASN B 74 8.11 -1.95 21.34
CA ASN B 74 8.37 -1.42 22.68
C ASN B 74 9.79 -1.72 23.15
N GLN B 75 10.51 -2.50 22.36
CA GLN B 75 11.88 -2.89 22.69
C GLN B 75 11.89 -3.72 23.96
N GLU B 76 10.75 -4.35 24.27
CA GLU B 76 10.62 -5.18 25.46
C GLU B 76 11.07 -6.61 25.17
N GLY B 77 11.62 -6.83 23.98
CA GLY B 77 12.08 -8.16 23.60
C GLY B 77 10.91 -9.11 23.39
N THR B 78 9.74 -8.55 23.11
CA THR B 78 8.53 -9.34 22.87
C THR B 78 8.11 -9.19 21.42
N TRP B 79 8.49 -10.16 20.59
CA TRP B 79 8.15 -10.12 19.17
C TRP B 79 6.75 -10.61 18.86
N GLN B 80 6.02 -9.81 18.09
CA GLN B 80 4.65 -10.12 17.73
C GLN B 80 4.40 -9.88 16.24
N TRP B 81 3.52 -10.69 15.65
CA TRP B 81 3.19 -10.54 14.24
C TRP B 81 2.08 -9.48 14.15
N VAL B 82 1.89 -8.92 12.97
CA VAL B 82 0.88 -7.89 12.78
C VAL B 82 -0.55 -8.41 12.90
N ASP B 83 -0.72 -9.73 12.87
CA ASP B 83 -2.05 -10.30 12.99
C ASP B 83 -2.42 -10.45 14.47
N GLY B 84 -1.50 -10.04 15.33
CA GLY B 84 -1.75 -10.12 16.76
C GLY B 84 -1.17 -11.33 17.46
N SER B 85 -0.71 -12.31 16.68
CA SER B 85 -0.14 -13.53 17.26
C SER B 85 1.31 -13.33 17.64
N PRO B 86 1.77 -14.03 18.68
CA PRO B 86 3.16 -13.94 19.14
C PRO B 86 4.08 -14.81 18.30
N LEU B 87 5.39 -14.63 18.46
CA LEU B 87 6.37 -15.41 17.73
C LEU B 87 6.66 -16.72 18.46
N SER B 88 6.23 -17.84 17.87
CA SER B 88 6.44 -19.15 18.48
C SER B 88 7.92 -19.49 18.58
N PRO B 89 8.32 -20.15 19.69
CA PRO B 89 9.71 -20.55 19.93
C PRO B 89 10.23 -21.44 18.80
N SER B 90 9.31 -22.01 18.04
CA SER B 90 9.66 -22.88 16.93
C SER B 90 10.35 -22.09 15.81
N PHE B 91 10.08 -20.79 15.75
CA PHE B 91 10.66 -19.93 14.72
C PHE B 91 11.91 -19.19 15.16
N GLN B 92 12.26 -19.29 16.44
CA GLN B 92 13.44 -18.61 16.95
C GLN B 92 14.71 -19.03 16.23
N ARG B 93 14.67 -20.17 15.55
CA ARG B 93 15.83 -20.66 14.83
C ARG B 93 16.12 -19.94 13.52
N TYR B 94 15.16 -19.15 13.05
CA TYR B 94 15.33 -18.43 11.80
C TYR B 94 16.18 -17.16 11.90
N TRP B 95 16.48 -16.73 13.13
CA TRP B 95 17.30 -15.54 13.32
C TRP B 95 18.72 -15.82 12.86
N ASN B 96 19.38 -14.82 12.28
CA ASN B 96 20.75 -15.02 11.85
C ASN B 96 21.61 -15.12 13.11
N SER B 97 22.89 -15.44 12.93
CA SER B 97 23.80 -15.56 14.05
C SER B 97 23.89 -14.26 14.84
N GLY B 98 23.63 -14.33 16.14
CA GLY B 98 23.71 -13.15 16.97
C GLY B 98 22.42 -12.38 17.09
N GLU B 99 21.45 -12.70 16.23
CA GLU B 99 20.16 -12.03 16.24
C GLU B 99 19.20 -12.75 17.19
N PRO B 100 18.17 -12.04 17.67
CA PRO B 100 17.93 -10.63 17.36
C PRO B 100 18.61 -9.69 18.35
N ASN B 101 19.39 -8.74 17.85
CA ASN B 101 20.04 -7.79 18.73
C ASN B 101 19.36 -6.44 18.63
N ASN B 102 18.76 -6.00 19.74
CA ASN B 102 18.06 -4.73 19.81
C ASN B 102 18.90 -3.60 19.22
N SER B 103 18.25 -2.73 18.45
CA SER B 103 18.91 -1.63 17.78
C SER B 103 19.03 -0.37 18.63
N GLY B 104 18.23 -0.27 19.67
CA GLY B 104 18.26 0.92 20.50
C GLY B 104 17.09 1.81 20.14
N ASN B 105 16.34 1.37 19.13
CA ASN B 105 15.15 2.08 18.65
C ASN B 105 14.07 1.01 18.45
N GLU B 106 12.93 1.43 17.89
CA GLU B 106 11.85 0.49 17.60
C GLU B 106 12.52 -0.63 16.81
N ASP B 107 12.24 -1.88 17.15
CA ASP B 107 12.82 -3.01 16.45
C ASP B 107 11.84 -3.74 15.54
N CYS B 108 12.31 -4.08 14.34
CA CYS B 108 11.49 -4.77 13.35
C CYS B 108 12.32 -5.87 12.70
N ALA B 109 11.66 -6.91 12.21
CA ALA B 109 12.36 -8.02 11.58
C ALA B 109 12.45 -7.94 10.06
N GLU B 110 13.62 -8.27 9.52
CA GLU B 110 13.84 -8.24 8.09
C GLU B 110 14.49 -9.53 7.61
N PHE B 111 14.19 -9.92 6.38
CA PHE B 111 14.82 -11.11 5.80
C PHE B 111 16.18 -10.61 5.35
N SER B 112 17.24 -11.29 5.77
CA SER B 112 18.58 -10.88 5.37
C SER B 112 19.47 -12.08 5.10
N GLY B 113 19.69 -12.34 3.81
CA GLY B 113 20.52 -13.47 3.43
C GLY B 113 19.89 -14.81 3.72
N SER B 114 20.41 -15.51 4.72
CA SER B 114 19.93 -16.83 5.09
C SER B 114 18.88 -16.86 6.19
N GLY B 115 18.80 -15.81 6.98
CA GLY B 115 17.83 -15.78 8.07
C GLY B 115 17.26 -14.41 8.33
N TRP B 116 16.85 -14.16 9.57
CA TRP B 116 16.26 -12.88 9.93
C TRP B 116 17.19 -12.01 10.76
N ASN B 117 17.05 -10.70 10.61
CA ASN B 117 17.84 -9.73 11.37
C ASN B 117 16.91 -8.79 12.10
N ASP B 118 17.43 -8.17 13.15
CA ASP B 118 16.68 -7.18 13.91
C ASP B 118 17.18 -5.86 13.34
N ASN B 119 16.29 -5.00 12.87
CA ASN B 119 16.73 -3.72 12.36
C ASN B 119 15.77 -2.64 12.82
N ARG B 120 16.22 -1.39 12.79
CA ARG B 120 15.38 -0.28 13.20
C ARG B 120 14.21 -0.15 12.23
N CYS B 121 13.01 -0.04 12.78
CA CYS B 121 11.80 0.04 11.97
C CYS B 121 11.74 1.17 10.94
N ASP B 122 12.48 2.27 11.16
CA ASP B 122 12.43 3.37 10.19
C ASP B 122 13.42 3.22 9.03
N VAL B 123 14.10 2.08 8.96
CA VAL B 123 15.03 1.84 7.86
C VAL B 123 14.20 1.53 6.61
N ASP B 124 14.73 1.88 5.44
CA ASP B 124 14.03 1.60 4.19
C ASP B 124 14.42 0.22 3.69
N ASN B 125 13.44 -0.67 3.58
CA ASN B 125 13.65 -2.01 3.07
C ASN B 125 12.52 -2.30 2.10
N TYR B 126 12.70 -3.35 1.29
CA TYR B 126 11.64 -3.76 0.37
C TYR B 126 10.67 -4.47 1.31
N TRP B 127 9.50 -4.86 0.82
CA TRP B 127 8.56 -5.56 1.69
C TRP B 127 7.78 -6.60 0.92
N ILE B 128 7.10 -7.48 1.66
CA ILE B 128 6.32 -8.55 1.05
C ILE B 128 4.92 -8.58 1.64
N CYS B 129 3.90 -8.51 0.78
CA CYS B 129 2.51 -8.57 1.24
C CYS B 129 1.97 -9.96 0.95
N LYS B 130 0.96 -10.36 1.73
CA LYS B 130 0.35 -11.68 1.58
C LYS B 130 -1.17 -11.64 1.75
N LYS B 131 -1.87 -12.40 0.91
CA LYS B 131 -3.32 -12.52 0.99
C LYS B 131 -3.75 -13.82 0.31
N PRO B 132 -4.91 -14.37 0.71
CA PRO B 132 -5.42 -15.62 0.13
C PRO B 132 -5.60 -15.55 -1.39
N ALA B 133 -5.46 -16.69 -2.05
CA ALA B 133 -5.64 -16.74 -3.49
C ALA B 133 -7.15 -16.71 -3.76
N ALA B 134 -7.53 -16.42 -5.00
CA ALA B 134 -8.94 -16.36 -5.35
C ALA B 134 -9.23 -17.13 -6.64
#